data_9LT6
#
_entry.id   9LT6
#
_cell.length_a   46.880
_cell.length_b   48.410
_cell.length_c   75.433
_cell.angle_alpha   90.00
_cell.angle_beta   93.15
_cell.angle_gamma   90.00
#
_symmetry.space_group_name_H-M   'P 1 21 1'
#
loop_
_entity.id
_entity.type
_entity.pdbx_description
1 polymer '2-nitropropane dioxygenase'
2 non-polymer 'FLAVIN MONONUCLEOTIDE'
3 non-polymer 'IRON/SULFUR CLUSTER'
4 non-polymer N-[5-[(3-methylphenyl)sulfamoyl]-1,3,4-thiadiazol-2-yl]naphthalene-2-carboxamide
5 water water
#
_entity_poly.entity_id   1
_entity_poly.type   'polypeptide(L)'
_entity_poly.pdbx_seq_one_letter_code
;MVSTLKPLKIGKHTIKFPIFQGGMGVGISWDELAGNVAKEGALGVISAVGTGYYKNMRFVERIVAKKPFEALNFYSKKAL
NEIFANARKICGNNPLGANILYAINDYGRVLRDSCEAGANIIITGAGLPTNMPEFAKDFSDVALIPIISSAKALKILCKR
WSDRYKRIPDAFIVEGPLSGGHQGFKYEDCFKEEFRLENLVPKVVEASKEWGNIPIIAAGGIWDRKDIDTMLSLGASGVQ
MATRFLGTKECDAKVYADLLPTLKKEDILLIKSPVGYPARAINTGVIKRIEEGNAPKIACVSNCVAPCNRGEEAKKVGYC
IADGLGRSYLGNREEGLYFTGANGYRVDKIISVHELIKELTEG
;
_entity_poly.pdbx_strand_id   A
#
loop_
_chem_comp.id
_chem_comp.type
_chem_comp.name
_chem_comp.formula
A1ELF non-polymer N-[5-[(3-methylphenyl)sulfamoyl]-1,3,4-thiadiazol-2-yl]naphthalene-2-carboxamide 'C20 H16 N4 O3 S2'
FMN non-polymer 'FLAVIN MONONUCLEOTIDE' 'C17 H21 N4 O9 P'
SF4 non-polymer 'IRON/SULFUR CLUSTER' 'Fe4 S4'
#
# COMPACT_ATOMS: atom_id res chain seq x y z
N MET A 1 -11.64 0.96 -24.71
CA MET A 1 -10.59 0.13 -25.33
C MET A 1 -9.46 0.84 -26.05
N VAL A 2 -9.70 2.00 -26.66
CA VAL A 2 -8.60 2.76 -27.28
C VAL A 2 -8.03 3.69 -26.22
N SER A 3 -6.73 3.58 -26.00
CA SER A 3 -6.00 4.43 -25.07
C SER A 3 -4.75 4.98 -25.72
N THR A 4 -4.35 6.18 -25.31
CA THR A 4 -3.06 6.72 -25.69
C THR A 4 -2.01 6.54 -24.60
N LEU A 5 -2.37 5.92 -23.48
CA LEU A 5 -1.38 5.52 -22.49
C LEU A 5 -0.58 4.33 -23.00
N LYS A 6 0.71 4.31 -22.66
CA LYS A 6 1.56 3.31 -23.28
C LYS A 6 2.00 2.25 -22.26
N PRO A 7 2.28 1.03 -22.70
CA PRO A 7 2.68 -0.03 -21.77
C PRO A 7 3.92 0.35 -20.98
N LEU A 8 4.03 -0.21 -19.77
CA LEU A 8 5.08 0.15 -18.83
C LEU A 8 5.90 -1.09 -18.47
N LYS A 9 7.21 -1.02 -18.68
CA LYS A 9 8.10 -2.10 -18.27
C LYS A 9 8.63 -1.84 -16.87
N ILE A 10 8.54 -2.86 -16.01
CA ILE A 10 9.10 -2.86 -14.67
C ILE A 10 9.98 -4.11 -14.58
N GLY A 11 11.29 -3.91 -14.62
CA GLY A 11 12.20 -5.04 -14.73
C GLY A 11 11.87 -5.90 -15.93
N LYS A 12 11.59 -7.18 -15.69
CA LYS A 12 11.30 -8.10 -16.77
C LYS A 12 9.82 -8.17 -17.10
N HIS A 13 8.98 -7.39 -16.43
CA HIS A 13 7.54 -7.49 -16.54
C HIS A 13 7.00 -6.29 -17.30
N THR A 14 5.85 -6.48 -17.95
CA THR A 14 5.18 -5.40 -18.67
C THR A 14 3.73 -5.34 -18.21
N ILE A 15 3.24 -4.13 -17.97
CA ILE A 15 1.83 -3.91 -17.68
C ILE A 15 1.24 -3.04 -18.79
N LYS A 16 0.02 -3.39 -19.20
CA LYS A 16 -0.61 -2.73 -20.34
C LYS A 16 -0.76 -1.23 -20.11
N PHE A 17 -1.13 -0.83 -18.89
CA PHE A 17 -1.33 0.56 -18.56
C PHE A 17 -0.35 0.99 -17.46
N PRO A 18 0.16 2.22 -17.50
CA PRO A 18 1.13 2.69 -16.50
C PRO A 18 0.47 3.10 -15.19
N ILE A 19 -0.30 2.18 -14.61
CA ILE A 19 -1.07 2.43 -13.41
C ILE A 19 -0.87 1.26 -12.45
N PHE A 20 -0.55 1.57 -11.20
CA PHE A 20 -0.54 0.57 -10.15
C PHE A 20 -1.78 0.84 -9.30
N GLN A 21 -2.45 -0.20 -8.80
CA GLN A 21 -3.29 0.09 -7.64
C GLN A 21 -2.46 -0.15 -6.40
N GLY A 22 -2.33 0.90 -5.58
CA GLY A 22 -1.49 0.81 -4.41
C GLY A 22 -2.02 -0.22 -3.42
N GLY A 23 -1.08 -0.91 -2.77
CA GLY A 23 -1.48 -1.85 -1.74
C GLY A 23 -2.14 -1.13 -0.57
N MET A 24 -3.11 -1.82 0.03
CA MET A 24 -3.82 -1.28 1.20
C MET A 24 -4.07 -2.40 2.20
N GLY A 25 -3.58 -2.21 3.41
CA GLY A 25 -3.86 -3.14 4.50
C GLY A 25 -4.79 -2.52 5.52
N VAL A 26 -5.45 -3.34 6.34
CA VAL A 26 -5.34 -4.79 6.29
C VAL A 26 -6.56 -5.39 5.59
N GLY A 27 -6.32 -6.30 4.65
CA GLY A 27 -7.42 -6.96 3.99
C GLY A 27 -8.17 -6.10 3.01
N ILE A 28 -7.57 -4.99 2.57
CA ILE A 28 -8.24 -4.09 1.65
C ILE A 28 -7.91 -4.46 0.20
N SER A 29 -6.63 -4.64 -0.14
CA SER A 29 -6.26 -5.06 -1.49
C SER A 29 -5.72 -6.49 -1.39
N TRP A 30 -6.64 -7.45 -1.41
CA TRP A 30 -6.27 -8.86 -1.54
C TRP A 30 -6.73 -9.40 -2.89
N ASP A 31 -7.25 -10.63 -2.93
CA ASP A 31 -7.37 -11.33 -4.20
C ASP A 31 -8.45 -10.75 -5.13
N GLU A 32 -9.62 -10.36 -4.61
CA GLU A 32 -10.65 -9.85 -5.51
C GLU A 32 -10.22 -8.56 -6.19
N LEU A 33 -9.73 -7.59 -5.40
CA LEU A 33 -9.31 -6.32 -5.95
C LEU A 33 -8.09 -6.47 -6.87
N ALA A 34 -6.99 -7.02 -6.32
CA ALA A 34 -5.76 -7.12 -7.10
C ALA A 34 -5.97 -7.98 -8.35
N GLY A 35 -6.70 -9.08 -8.21
CA GLY A 35 -6.96 -9.93 -9.35
C GLY A 35 -7.70 -9.21 -10.45
N ASN A 36 -8.75 -8.46 -10.10
CA ASN A 36 -9.49 -7.79 -11.16
C ASN A 36 -8.70 -6.63 -11.76
N VAL A 37 -7.91 -5.92 -10.93
CA VAL A 37 -7.08 -4.85 -11.44
C VAL A 37 -6.10 -5.39 -12.49
N ALA A 38 -5.38 -6.46 -12.14
CA ALA A 38 -4.43 -7.04 -13.08
C ALA A 38 -5.14 -7.59 -14.32
N LYS A 39 -6.34 -8.16 -14.14
CA LYS A 39 -7.13 -8.59 -15.28
C LYS A 39 -7.37 -7.45 -16.26
N GLU A 40 -7.48 -6.22 -15.74
CA GLU A 40 -7.72 -5.08 -16.62
C GLU A 40 -6.46 -4.58 -17.34
N GLY A 41 -5.28 -5.01 -16.93
CA GLY A 41 -4.06 -4.57 -17.56
C GLY A 41 -3.23 -3.58 -16.76
N ALA A 42 -3.68 -3.21 -15.57
CA ALA A 42 -2.88 -2.43 -14.64
C ALA A 42 -2.19 -3.38 -13.66
N LEU A 43 -1.36 -2.82 -12.78
CA LEU A 43 -0.69 -3.63 -11.76
C LEU A 43 -1.60 -3.78 -10.54
N GLY A 44 -2.10 -4.99 -10.32
CA GLY A 44 -2.73 -5.30 -9.06
C GLY A 44 -1.68 -5.61 -8.01
N VAL A 45 -1.90 -5.12 -6.80
CA VAL A 45 -0.93 -5.24 -5.71
C VAL A 45 -1.60 -5.86 -4.50
N ILE A 46 -1.11 -7.02 -4.08
CA ILE A 46 -1.63 -7.69 -2.89
C ILE A 46 -0.88 -7.19 -1.66
N SER A 47 -1.63 -6.76 -0.65
CA SER A 47 -1.05 -6.38 0.63
C SER A 47 -0.66 -7.63 1.43
N ALA A 48 0.60 -7.70 1.84
CA ALA A 48 1.08 -8.82 2.64
C ALA A 48 0.97 -8.55 4.14
N VAL A 49 0.35 -7.44 4.53
CA VAL A 49 0.28 -7.03 5.92
C VAL A 49 -1.00 -7.59 6.55
N GLY A 50 -0.85 -8.28 7.67
CA GLY A 50 -2.00 -8.80 8.38
C GLY A 50 -2.76 -9.88 7.63
N THR A 51 -2.07 -10.65 6.79
CA THR A 51 -2.71 -11.72 6.05
C THR A 51 -3.28 -12.79 6.98
N GLY A 52 -2.83 -12.84 8.24
CA GLY A 52 -3.40 -13.78 9.18
C GLY A 52 -4.90 -13.60 9.37
N TYR A 53 -5.38 -12.36 9.24
CA TYR A 53 -6.82 -12.11 9.35
C TYR A 53 -7.61 -12.69 8.18
N TYR A 54 -6.96 -13.09 7.10
CA TYR A 54 -7.66 -13.55 5.91
C TYR A 54 -8.68 -14.61 6.27
N LYS A 55 -9.90 -14.43 5.75
CA LYS A 55 -11.02 -15.34 5.98
C LYS A 55 -11.16 -15.69 7.46
N ASN A 56 -11.06 -14.67 8.30
CA ASN A 56 -11.19 -14.78 9.75
C ASN A 56 -10.23 -15.83 10.31
N MET A 57 -8.94 -15.62 10.00
CA MET A 57 -7.87 -16.41 10.59
C MET A 57 -7.93 -17.87 10.15
N ARG A 58 -8.38 -18.08 8.91
CA ARG A 58 -8.36 -19.40 8.30
C ARG A 58 -6.99 -20.06 8.42
N PHE A 59 -5.92 -19.30 8.17
CA PHE A 59 -4.57 -19.85 8.15
C PHE A 59 -3.68 -19.27 9.23
N VAL A 60 -4.02 -19.49 10.50
CA VAL A 60 -3.11 -19.15 11.59
C VAL A 60 -2.97 -20.35 12.51
N GLU A 61 -1.79 -20.47 13.11
CA GLU A 61 -1.53 -21.59 14.00
C GLU A 61 -2.02 -21.32 15.41
N ARG A 62 -2.11 -20.05 15.81
CA ARG A 62 -2.55 -19.73 17.16
C ARG A 62 -3.27 -18.39 17.15
N ILE A 63 -4.36 -18.33 17.90
CA ILE A 63 -5.18 -17.14 18.08
C ILE A 63 -5.22 -16.80 19.56
N VAL A 64 -5.09 -15.51 19.89
CA VAL A 64 -5.30 -15.01 21.24
C VAL A 64 -6.19 -13.79 21.16
N ALA A 65 -7.29 -13.79 21.93
CA ALA A 65 -8.22 -12.68 21.98
C ALA A 65 -8.73 -12.31 20.59
N LYS A 66 -8.97 -13.33 19.76
CA LYS A 66 -9.45 -13.17 18.39
C LYS A 66 -8.47 -12.39 17.52
N LYS A 67 -7.18 -12.55 17.80
CA LYS A 67 -6.11 -11.92 17.04
C LYS A 67 -5.07 -12.97 16.66
N PRO A 68 -4.45 -12.85 15.49
CA PRO A 68 -3.35 -13.77 15.16
C PRO A 68 -2.18 -13.59 16.10
N PHE A 69 -1.68 -14.70 16.63
CA PHE A 69 -0.62 -14.68 17.64
C PHE A 69 0.74 -14.52 16.97
N GLU A 70 1.42 -13.41 17.28
CA GLU A 70 2.78 -13.11 16.85
C GLU A 70 2.90 -12.91 15.34
N ALA A 71 4.09 -12.46 14.91
CA ALA A 71 4.28 -12.03 13.53
C ALA A 71 4.18 -13.19 12.55
N LEU A 72 4.51 -14.40 12.98
CA LEU A 72 4.41 -15.55 12.10
C LEU A 72 2.98 -15.78 11.66
N ASN A 73 2.01 -15.51 12.52
CA ASN A 73 0.61 -15.64 12.15
C ASN A 73 0.01 -14.35 11.61
N PHE A 74 0.48 -13.18 12.06
CA PHE A 74 -0.02 -11.93 11.48
C PHE A 74 0.35 -11.83 10.01
N TYR A 75 1.60 -12.15 9.68
CA TYR A 75 2.04 -12.25 8.28
C TYR A 75 2.05 -13.73 7.94
N SER A 76 0.90 -14.23 7.50
CA SER A 76 0.67 -15.66 7.34
C SER A 76 1.04 -16.10 5.93
N LYS A 77 2.00 -17.02 5.85
CA LYS A 77 2.50 -17.47 4.55
C LYS A 77 1.42 -18.22 3.77
N LYS A 78 0.64 -19.07 4.46
CA LYS A 78 -0.39 -19.84 3.77
C LYS A 78 -1.53 -18.95 3.30
N ALA A 79 -1.88 -17.94 4.10
CA ALA A 79 -2.87 -16.97 3.67
C ALA A 79 -2.40 -16.23 2.43
N LEU A 80 -1.15 -15.76 2.45
CA LEU A 80 -0.59 -15.08 1.29
C LEU A 80 -0.62 -15.98 0.05
N ASN A 81 -0.30 -17.26 0.24
CA ASN A 81 -0.32 -18.22 -0.86
C ASN A 81 -1.71 -18.31 -1.48
N GLU A 82 -2.73 -18.46 -0.63
CA GLU A 82 -4.07 -18.58 -1.18
C GLU A 82 -4.55 -17.27 -1.79
N ILE A 83 -4.11 -16.12 -1.26
CA ILE A 83 -4.53 -14.84 -1.84
C ILE A 83 -3.97 -14.69 -3.25
N PHE A 84 -2.67 -14.92 -3.43
CA PHE A 84 -2.14 -15.00 -4.81
C PHE A 84 -2.85 -16.01 -5.70
N ALA A 85 -3.05 -17.24 -5.20
CA ALA A 85 -3.69 -18.25 -6.04
C ALA A 85 -5.08 -17.80 -6.50
N ASN A 86 -5.86 -17.25 -5.58
CA ASN A 86 -7.21 -16.80 -5.91
C ASN A 86 -7.19 -15.57 -6.82
N ALA A 87 -6.19 -14.70 -6.67
CA ALA A 87 -6.06 -13.59 -7.61
C ALA A 87 -5.77 -14.09 -9.01
N ARG A 88 -4.90 -15.10 -9.13
CA ARG A 88 -4.53 -15.60 -10.45
C ARG A 88 -5.64 -16.41 -11.08
N LYS A 89 -6.58 -16.93 -10.29
CA LYS A 89 -7.81 -17.43 -10.87
C LYS A 89 -8.50 -16.37 -11.74
N ILE A 90 -8.33 -15.10 -11.38
CA ILE A 90 -8.94 -13.99 -12.13
C ILE A 90 -8.02 -13.45 -13.21
N CYS A 91 -6.77 -13.15 -12.87
CA CYS A 91 -5.89 -12.43 -13.77
C CYS A 91 -4.85 -13.31 -14.46
N GLY A 92 -4.86 -14.62 -14.21
CA GLY A 92 -3.90 -15.49 -14.86
C GLY A 92 -2.47 -15.13 -14.47
N ASN A 93 -1.59 -15.15 -15.46
CA ASN A 93 -0.19 -14.79 -15.24
C ASN A 93 0.10 -13.31 -15.47
N ASN A 94 -0.93 -12.47 -15.49
CA ASN A 94 -0.71 -11.03 -15.54
C ASN A 94 0.07 -10.60 -14.29
N PRO A 95 0.94 -9.60 -14.41
CA PRO A 95 1.80 -9.23 -13.27
C PRO A 95 1.01 -8.77 -12.07
N LEU A 96 1.47 -9.22 -10.90
CA LEU A 96 0.91 -8.86 -9.61
C LEU A 96 2.05 -8.44 -8.69
N GLY A 97 1.80 -7.43 -7.88
CA GLY A 97 2.75 -7.01 -6.88
C GLY A 97 2.37 -7.49 -5.49
N ALA A 98 3.35 -7.48 -4.60
CA ALA A 98 3.15 -7.69 -3.17
C ALA A 98 3.73 -6.51 -2.44
N ASN A 99 2.90 -5.88 -1.62
CA ASN A 99 3.26 -4.69 -0.85
C ASN A 99 3.62 -5.12 0.57
N ILE A 100 4.80 -4.75 1.03
CA ILE A 100 5.32 -5.20 2.32
C ILE A 100 6.04 -4.03 3.00
N LEU A 101 5.54 -3.61 4.15
CA LEU A 101 6.15 -2.49 4.85
C LEU A 101 7.55 -2.89 5.31
N TYR A 102 8.42 -1.90 5.46
CA TYR A 102 9.79 -2.17 5.85
C TYR A 102 9.96 -2.31 7.35
N ALA A 103 9.08 -1.69 8.15
CA ALA A 103 9.26 -1.56 9.59
C ALA A 103 8.96 -2.83 10.38
N ILE A 104 9.43 -3.99 9.91
CA ILE A 104 9.22 -5.26 10.59
C ILE A 104 10.53 -6.04 10.62
N ASN A 105 10.83 -6.65 11.78
CA ASN A 105 12.00 -7.52 11.86
C ASN A 105 11.89 -8.71 10.93
N ASP A 106 10.67 -9.24 10.74
CA ASP A 106 10.47 -10.38 9.85
C ASP A 106 10.36 -9.97 8.40
N TYR A 107 10.98 -8.85 8.02
CA TYR A 107 10.81 -8.32 6.67
C TYR A 107 11.27 -9.33 5.62
N GLY A 108 12.46 -9.91 5.81
CA GLY A 108 12.99 -10.84 4.82
C GLY A 108 12.12 -12.08 4.68
N ARG A 109 11.58 -12.57 5.79
CA ARG A 109 10.69 -13.72 5.72
C ARG A 109 9.46 -13.42 4.88
N VAL A 110 8.84 -12.25 5.09
CA VAL A 110 7.64 -11.94 4.32
C VAL A 110 7.98 -11.65 2.87
N LEU A 111 9.17 -11.08 2.59
CA LEU A 111 9.58 -10.88 1.21
C LEU A 111 9.73 -12.22 0.49
N ARG A 112 10.47 -13.17 1.09
CA ARG A 112 10.55 -14.49 0.47
C ARG A 112 9.20 -15.18 0.39
N ASP A 113 8.31 -14.98 1.37
CA ASP A 113 6.98 -15.55 1.27
C ASP A 113 6.24 -15.02 0.05
N SER A 114 6.36 -13.72 -0.20
CA SER A 114 5.71 -13.11 -1.35
C SER A 114 6.28 -13.67 -2.65
N CYS A 115 7.61 -13.78 -2.71
CA CYS A 115 8.23 -14.37 -3.91
C CYS A 115 7.76 -15.80 -4.13
N GLU A 116 7.75 -16.61 -3.07
CA GLU A 116 7.33 -18.01 -3.19
C GLU A 116 5.84 -18.12 -3.47
N ALA A 117 5.06 -17.09 -3.15
CA ALA A 117 3.64 -17.07 -3.42
C ALA A 117 3.33 -16.72 -4.88
N GLY A 118 4.31 -16.20 -5.61
CA GLY A 118 4.12 -15.89 -7.01
C GLY A 118 4.11 -14.41 -7.35
N ALA A 119 4.55 -13.54 -6.44
CA ALA A 119 4.62 -12.13 -6.75
C ALA A 119 5.68 -11.88 -7.82
N ASN A 120 5.35 -11.00 -8.77
CA ASN A 120 6.31 -10.59 -9.77
C ASN A 120 7.07 -9.35 -9.37
N ILE A 121 6.53 -8.57 -8.44
CA ILE A 121 7.07 -7.29 -8.00
C ILE A 121 6.87 -7.19 -6.50
N ILE A 122 7.89 -6.69 -5.79
CA ILE A 122 7.78 -6.35 -4.38
C ILE A 122 7.84 -4.83 -4.26
N ILE A 123 6.90 -4.26 -3.51
CA ILE A 123 6.83 -2.83 -3.27
C ILE A 123 6.95 -2.61 -1.77
N THR A 124 7.87 -1.74 -1.36
CA THR A 124 8.12 -1.58 0.07
C THR A 124 8.36 -0.12 0.44
N GLY A 125 7.58 0.37 1.39
CA GLY A 125 7.76 1.67 2.00
C GLY A 125 7.81 1.56 3.51
N ALA A 126 7.35 2.63 4.17
CA ALA A 126 7.35 2.71 5.64
C ALA A 126 8.75 2.51 6.20
N GLY A 127 9.72 3.12 5.55
CA GLY A 127 11.12 2.96 5.92
C GLY A 127 11.98 3.17 4.70
N LEU A 128 13.29 2.93 4.89
CA LEU A 128 14.27 3.06 3.82
C LEU A 128 14.82 1.66 3.53
N PRO A 129 14.27 0.94 2.54
CA PRO A 129 14.57 -0.50 2.36
C PRO A 129 15.86 -0.74 1.57
N THR A 130 16.97 -0.63 2.29
CA THR A 130 18.29 -0.69 1.67
C THR A 130 18.77 -2.11 1.39
N ASN A 131 17.98 -3.14 1.70
CA ASN A 131 18.46 -4.52 1.58
C ASN A 131 17.42 -5.47 1.00
N MET A 132 16.51 -4.97 0.16
CA MET A 132 15.56 -5.83 -0.56
C MET A 132 16.24 -6.97 -1.32
N PRO A 133 17.32 -6.73 -2.08
CA PRO A 133 17.92 -7.83 -2.85
C PRO A 133 18.54 -8.93 -2.00
N GLU A 134 18.94 -8.62 -0.76
CA GLU A 134 19.42 -9.66 0.15
C GLU A 134 18.43 -10.81 0.23
N PHE A 135 17.16 -10.47 0.36
CA PHE A 135 16.12 -11.47 0.52
C PHE A 135 15.56 -11.95 -0.81
N ALA A 136 15.73 -11.17 -1.88
CA ALA A 136 15.14 -11.58 -3.17
C ALA A 136 16.08 -12.37 -4.09
N LYS A 137 17.29 -12.72 -3.65
CA LYS A 137 18.29 -13.21 -4.62
C LYS A 137 17.97 -14.59 -5.17
N ASP A 138 17.20 -15.40 -4.46
CA ASP A 138 16.77 -16.68 -5.03
C ASP A 138 15.70 -16.52 -6.10
N PHE A 139 15.19 -15.30 -6.30
CA PHE A 139 14.09 -15.03 -7.23
C PHE A 139 14.52 -13.87 -8.13
N SER A 140 15.32 -14.21 -9.15
CA SER A 140 16.00 -13.19 -9.95
C SER A 140 15.04 -12.29 -10.71
N ASP A 141 13.88 -12.81 -11.10
CA ASP A 141 12.96 -12.07 -11.97
C ASP A 141 12.03 -11.13 -11.22
N VAL A 142 11.94 -11.25 -9.90
CA VAL A 142 11.03 -10.42 -9.13
C VAL A 142 11.59 -8.99 -9.09
N ALA A 143 10.82 -8.04 -9.61
CA ALA A 143 11.25 -6.65 -9.62
C ALA A 143 11.05 -6.04 -8.23
N LEU A 144 11.91 -5.09 -7.88
CA LEU A 144 11.94 -4.53 -6.53
C LEU A 144 11.76 -3.02 -6.61
N ILE A 145 10.76 -2.51 -5.88
CA ILE A 145 10.35 -1.12 -5.94
C ILE A 145 10.26 -0.52 -4.54
N PRO A 146 11.20 0.33 -4.15
CA PRO A 146 11.02 1.11 -2.94
C PRO A 146 10.03 2.26 -3.15
N ILE A 147 9.32 2.57 -2.08
CA ILE A 147 8.56 3.81 -1.98
C ILE A 147 9.40 4.80 -1.21
N ILE A 148 9.51 6.01 -1.74
CA ILE A 148 10.36 7.06 -1.22
C ILE A 148 9.56 8.35 -1.09
N SER A 149 10.10 9.26 -0.29
CA SER A 149 9.51 10.56 -0.01
C SER A 149 10.32 11.71 -0.58
N SER A 150 11.47 11.44 -1.20
CA SER A 150 12.42 12.50 -1.53
C SER A 150 13.45 11.96 -2.53
N ALA A 151 14.06 12.89 -3.27
CA ALA A 151 15.16 12.52 -4.17
C ALA A 151 16.38 12.04 -3.39
N LYS A 152 16.61 12.58 -2.20
CA LYS A 152 17.71 12.14 -1.37
C LYS A 152 17.62 10.64 -1.10
N ALA A 153 16.40 10.15 -0.82
CA ALA A 153 16.20 8.73 -0.56
C ALA A 153 16.52 7.91 -1.80
N LEU A 154 16.14 8.39 -2.97
CA LEU A 154 16.49 7.71 -4.21
C LEU A 154 18.00 7.55 -4.34
N LYS A 155 18.73 8.65 -4.12
CA LYS A 155 20.18 8.59 -4.27
C LYS A 155 20.80 7.63 -3.26
N ILE A 156 20.34 7.69 -2.00
CA ILE A 156 20.89 6.83 -0.96
C ILE A 156 20.62 5.36 -1.29
N LEU A 157 19.37 5.04 -1.64
CA LEU A 157 19.02 3.66 -1.95
C LEU A 157 19.82 3.14 -3.13
N CYS A 158 19.93 3.95 -4.21
CA CYS A 158 20.69 3.50 -5.36
C CYS A 158 22.14 3.22 -5.01
N LYS A 159 22.75 4.10 -4.19
CA LYS A 159 24.15 3.88 -3.84
C LYS A 159 24.34 2.64 -2.98
N ARG A 160 23.52 2.48 -1.92
CA ARG A 160 23.65 1.32 -1.05
C ARG A 160 23.43 0.02 -1.83
N TRP A 161 22.37 -0.03 -2.64
CA TRP A 161 22.07 -1.20 -3.44
C TRP A 161 23.19 -1.51 -4.42
N SER A 162 23.68 -0.48 -5.14
CA SER A 162 24.71 -0.69 -6.14
C SER A 162 25.99 -1.21 -5.50
N ASP A 163 26.41 -0.59 -4.38
CA ASP A 163 27.63 -1.00 -3.74
C ASP A 163 27.53 -2.41 -3.16
N ARG A 164 26.37 -2.79 -2.63
CA ARG A 164 26.31 -4.07 -1.93
C ARG A 164 25.90 -5.24 -2.82
N TYR A 165 25.03 -5.01 -3.81
CA TYR A 165 24.45 -6.10 -4.59
C TYR A 165 24.71 -5.99 -6.08
N LYS A 166 25.37 -4.93 -6.54
CA LYS A 166 25.55 -4.66 -7.98
C LYS A 166 24.22 -4.68 -8.72
N ARG A 167 23.18 -4.20 -8.04
CA ARG A 167 21.83 -4.07 -8.58
C ARG A 167 21.22 -2.79 -8.04
N ILE A 168 20.42 -2.12 -8.88
CA ILE A 168 19.70 -0.94 -8.44
C ILE A 168 18.20 -1.25 -8.59
N PRO A 169 17.35 -0.46 -7.94
CA PRO A 169 15.90 -0.77 -7.99
C PRO A 169 15.35 -0.75 -9.40
N ASP A 170 14.30 -1.53 -9.60
CA ASP A 170 13.64 -1.61 -10.89
C ASP A 170 12.70 -0.44 -11.13
N ALA A 171 12.25 0.23 -10.07
CA ALA A 171 11.43 1.42 -10.17
C ALA A 171 11.43 2.08 -8.80
N PHE A 172 10.98 3.33 -8.76
CA PHE A 172 10.73 4.01 -7.50
C PHE A 172 9.31 4.55 -7.51
N ILE A 173 8.62 4.42 -6.39
CA ILE A 173 7.36 5.13 -6.17
C ILE A 173 7.63 6.29 -5.24
N VAL A 174 7.39 7.51 -5.71
CA VAL A 174 7.42 8.67 -4.83
C VAL A 174 5.99 8.94 -4.35
N GLU A 175 5.81 8.93 -3.03
CA GLU A 175 4.47 9.13 -2.47
C GLU A 175 4.39 10.46 -1.73
N GLY A 176 3.37 11.24 -2.05
CA GLY A 176 3.18 12.55 -1.46
C GLY A 176 2.24 12.54 -0.27
N PRO A 177 2.06 13.70 0.36
CA PRO A 177 1.34 13.76 1.63
C PRO A 177 -0.18 13.75 1.52
N LEU A 178 -0.74 13.63 0.32
CA LEU A 178 -2.19 13.50 0.15
C LEU A 178 -2.63 12.04 0.14
N SER A 179 -1.73 11.11 0.44
CA SER A 179 -1.95 9.69 0.24
C SER A 179 -2.81 9.10 1.36
N GLY A 180 -3.24 7.85 1.14
CA GLY A 180 -3.84 7.07 2.19
C GLY A 180 -2.81 6.35 3.03
N GLY A 181 -3.27 5.82 4.16
CA GLY A 181 -2.36 5.12 5.04
C GLY A 181 -1.39 6.09 5.70
N HIS A 182 -0.15 5.64 5.87
CA HIS A 182 0.86 6.45 6.53
C HIS A 182 1.55 7.38 5.53
N GLN A 183 2.05 8.50 6.05
CA GLN A 183 2.71 9.53 5.27
C GLN A 183 4.21 9.48 5.52
N GLY A 184 4.99 9.74 4.48
CA GLY A 184 6.44 9.79 4.64
C GLY A 184 6.94 11.18 4.99
N PHE A 185 6.12 11.94 5.73
CA PHE A 185 6.42 13.30 6.13
C PHE A 185 5.95 13.53 7.55
N LYS A 186 6.68 14.36 8.30
CA LYS A 186 6.15 14.94 9.53
C LYS A 186 4.80 15.59 9.28
N TYR A 187 3.92 15.51 10.30
CA TYR A 187 2.61 16.15 10.23
C TYR A 187 2.70 17.58 9.69
N GLU A 188 3.59 18.40 10.28
CA GLU A 188 3.70 19.78 9.84
C GLU A 188 4.11 19.86 8.37
N ASP A 189 4.95 18.93 7.92
CA ASP A 189 5.37 18.95 6.52
C ASP A 189 4.27 18.51 5.56
N CYS A 190 3.24 17.81 6.05
CA CYS A 190 2.20 17.35 5.12
C CYS A 190 1.42 18.51 4.50
N PHE A 191 1.40 19.68 5.14
CA PHE A 191 0.64 20.81 4.65
C PHE A 191 1.46 21.79 3.84
N LYS A 192 2.77 21.56 3.70
CA LYS A 192 3.63 22.54 3.07
C LYS A 192 3.77 22.30 1.57
N GLU A 193 3.69 23.39 0.81
CA GLU A 193 3.66 23.30 -0.65
C GLU A 193 4.93 22.66 -1.21
N GLU A 194 6.04 22.76 -0.48
CA GLU A 194 7.31 22.24 -0.94
C GLU A 194 7.29 20.74 -1.12
N PHE A 195 6.38 20.05 -0.42
CA PHE A 195 6.28 18.60 -0.48
C PHE A 195 5.08 18.12 -1.29
N ARG A 196 4.39 19.01 -1.98
CA ARG A 196 3.32 18.58 -2.88
C ARG A 196 3.89 17.67 -3.96
N LEU A 197 3.08 16.71 -4.40
CA LEU A 197 3.57 15.67 -5.30
C LEU A 197 4.10 16.27 -6.60
N GLU A 198 3.42 17.31 -7.11
CA GLU A 198 3.88 18.00 -8.33
C GLU A 198 5.25 18.62 -8.16
N ASN A 199 5.68 18.85 -6.93
CA ASN A 199 7.01 19.38 -6.69
C ASN A 199 8.03 18.27 -6.44
N LEU A 200 7.58 17.14 -5.89
CA LEU A 200 8.47 16.03 -5.62
C LEU A 200 8.85 15.28 -6.90
N VAL A 201 7.90 15.06 -7.81
CA VAL A 201 8.17 14.25 -9.00
C VAL A 201 9.31 14.82 -9.84
N PRO A 202 9.33 16.12 -10.19
CA PRO A 202 10.49 16.64 -10.94
C PRO A 202 11.83 16.36 -10.28
N LYS A 203 11.94 16.58 -8.96
CA LYS A 203 13.19 16.37 -8.27
C LYS A 203 13.61 14.90 -8.29
N VAL A 204 12.65 13.99 -8.10
CA VAL A 204 12.97 12.57 -8.09
C VAL A 204 13.37 12.09 -9.49
N VAL A 205 12.71 12.61 -10.53
CA VAL A 205 13.07 12.21 -11.89
C VAL A 205 14.46 12.70 -12.26
N GLU A 206 14.77 13.95 -11.87
CA GLU A 206 16.11 14.48 -12.09
C GLU A 206 17.15 13.65 -11.36
N ALA A 207 16.87 13.29 -10.10
CA ALA A 207 17.79 12.42 -9.37
C ALA A 207 17.95 11.08 -10.06
N SER A 208 16.86 10.59 -10.67
CA SER A 208 16.93 9.28 -11.30
C SER A 208 17.79 9.28 -12.55
N LYS A 209 17.96 10.44 -13.18
CA LYS A 209 18.79 10.42 -14.39
C LYS A 209 20.17 9.83 -14.14
N GLU A 210 20.76 10.17 -13.00
CA GLU A 210 22.13 9.77 -12.71
C GLU A 210 22.27 8.26 -12.75
N TRP A 211 21.19 7.52 -12.49
CA TRP A 211 21.22 6.07 -12.44
C TRP A 211 20.50 5.42 -13.61
N GLY A 212 20.43 6.10 -14.74
CA GLY A 212 19.90 5.51 -15.96
C GLY A 212 18.40 5.62 -16.14
N ASN A 213 17.78 6.66 -15.61
CA ASN A 213 16.34 6.90 -15.75
C ASN A 213 15.51 5.69 -15.30
N ILE A 214 15.76 5.28 -14.07
CA ILE A 214 14.86 4.31 -13.42
C ILE A 214 13.44 4.87 -13.45
N PRO A 215 12.43 4.09 -13.83
CA PRO A 215 11.08 4.63 -13.93
C PRO A 215 10.54 5.10 -12.58
N ILE A 216 9.84 6.23 -12.61
CA ILE A 216 9.27 6.85 -11.42
C ILE A 216 7.74 6.74 -11.50
N ILE A 217 7.15 6.32 -10.39
CA ILE A 217 5.71 6.16 -10.24
C ILE A 217 5.25 7.19 -9.21
N ALA A 218 4.37 8.09 -9.62
CA ALA A 218 3.86 9.13 -8.73
C ALA A 218 2.63 8.62 -7.98
N ALA A 219 2.55 8.94 -6.68
CA ALA A 219 1.44 8.47 -5.87
C ALA A 219 1.04 9.51 -4.84
N GLY A 220 -0.27 9.61 -4.58
CA GLY A 220 -0.77 10.50 -3.55
C GLY A 220 -1.61 11.66 -4.08
N GLY A 221 -2.93 11.53 -4.03
CA GLY A 221 -3.83 12.56 -4.47
C GLY A 221 -4.21 12.49 -5.94
N ILE A 222 -3.75 11.48 -6.66
CA ILE A 222 -4.06 11.31 -8.08
C ILE A 222 -5.47 10.74 -8.19
N TRP A 223 -6.38 11.48 -8.83
CA TRP A 223 -7.79 11.14 -8.86
C TRP A 223 -8.27 10.63 -10.21
N ASP A 224 -7.95 11.33 -11.29
CA ASP A 224 -8.51 11.04 -12.61
C ASP A 224 -7.42 11.09 -13.67
N ARG A 225 -7.84 10.94 -14.93
CA ARG A 225 -6.89 10.92 -16.03
C ARG A 225 -6.15 12.24 -16.17
N LYS A 226 -6.80 13.35 -15.81
CA LYS A 226 -6.12 14.65 -15.86
C LYS A 226 -4.91 14.67 -14.94
N ASP A 227 -5.07 14.16 -13.71
CA ASP A 227 -3.94 14.08 -12.78
C ASP A 227 -2.86 13.13 -13.30
N ILE A 228 -3.29 12.00 -13.89
CA ILE A 228 -2.32 11.06 -14.48
C ILE A 228 -1.48 11.77 -15.53
N ASP A 229 -2.14 12.50 -16.44
CA ASP A 229 -1.42 13.19 -17.51
C ASP A 229 -0.49 14.25 -16.93
N THR A 230 -0.92 14.93 -15.87
CA THR A 230 -0.04 15.89 -15.21
C THR A 230 1.22 15.22 -14.70
N MET A 231 1.07 14.09 -14.00
CA MET A 231 2.24 13.40 -13.47
C MET A 231 3.14 12.88 -14.58
N LEU A 232 2.55 12.33 -15.64
CA LEU A 232 3.35 11.86 -16.77
C LEU A 232 4.13 13.00 -17.40
N SER A 233 3.51 14.18 -17.53
CA SER A 233 4.17 15.32 -18.14
C SER A 233 5.33 15.83 -17.30
N LEU A 234 5.33 15.56 -15.99
CA LEU A 234 6.42 15.97 -15.12
C LEU A 234 7.59 14.98 -15.12
N GLY A 235 7.50 13.90 -15.90
CA GLY A 235 8.57 12.95 -16.01
C GLY A 235 8.30 11.59 -15.41
N ALA A 236 7.19 11.44 -14.67
CA ALA A 236 6.85 10.14 -14.12
C ALA A 236 6.57 9.15 -15.24
N SER A 237 7.02 7.91 -15.06
CA SER A 237 6.70 6.83 -15.97
C SER A 237 5.35 6.19 -15.68
N GLY A 238 4.86 6.31 -14.44
CA GLY A 238 3.52 5.80 -14.19
C GLY A 238 2.94 6.42 -12.94
N VAL A 239 1.75 5.93 -12.57
CA VAL A 239 1.07 6.39 -11.37
C VAL A 239 0.66 5.19 -10.52
N GLN A 240 0.61 5.42 -9.21
CA GLN A 240 0.01 4.50 -8.26
C GLN A 240 -1.17 5.18 -7.60
N MET A 241 -2.34 4.55 -7.67
CA MET A 241 -3.58 5.10 -7.15
C MET A 241 -4.22 4.07 -6.22
N ALA A 242 -4.80 4.54 -5.11
CA ALA A 242 -5.42 3.61 -4.17
C ALA A 242 -6.84 4.03 -3.80
N THR A 243 -7.04 5.31 -3.48
CA THR A 243 -8.36 5.75 -3.01
C THR A 243 -9.46 5.45 -4.03
N ARG A 244 -9.16 5.61 -5.33
CA ARG A 244 -10.17 5.28 -6.34
C ARG A 244 -10.55 3.81 -6.26
N PHE A 245 -9.56 2.93 -6.03
CA PHE A 245 -9.81 1.49 -5.93
C PHE A 245 -10.45 1.12 -4.60
N LEU A 246 -10.15 1.88 -3.55
CA LEU A 246 -10.88 1.73 -2.29
C LEU A 246 -12.38 1.89 -2.50
N GLY A 247 -12.78 2.67 -3.51
CA GLY A 247 -14.18 2.84 -3.82
C GLY A 247 -14.71 1.97 -4.94
N THR A 248 -14.13 0.79 -5.15
CA THR A 248 -14.66 -0.13 -6.14
C THR A 248 -15.32 -1.33 -5.47
N LYS A 249 -16.21 -1.97 -6.23
CA LYS A 249 -16.97 -3.10 -5.70
C LYS A 249 -16.05 -4.24 -5.30
N GLU A 250 -14.94 -4.42 -6.02
CA GLU A 250 -14.05 -5.55 -5.84
C GLU A 250 -13.10 -5.38 -4.66
N CYS A 251 -13.13 -4.23 -3.97
CA CYS A 251 -12.40 -4.08 -2.71
C CYS A 251 -12.67 -5.24 -1.77
N ASP A 252 -11.60 -5.78 -1.19
CA ASP A 252 -11.75 -6.94 -0.31
C ASP A 252 -12.22 -6.56 1.09
N ALA A 253 -12.15 -5.30 1.46
CA ALA A 253 -12.70 -4.81 2.73
C ALA A 253 -14.07 -4.21 2.41
N LYS A 254 -15.11 -5.02 2.57
CA LYS A 254 -16.43 -4.64 2.05
C LYS A 254 -17.03 -3.44 2.78
N VAL A 255 -16.61 -3.17 4.02
CA VAL A 255 -17.11 -2.02 4.77
C VAL A 255 -16.97 -0.72 3.98
N TYR A 256 -15.90 -0.58 3.20
CA TYR A 256 -15.65 0.69 2.54
C TYR A 256 -16.76 1.03 1.57
N ALA A 257 -17.39 0.01 0.96
CA ALA A 257 -18.47 0.28 0.02
C ALA A 257 -19.63 1.01 0.68
N ASP A 258 -19.80 0.83 1.99
CA ASP A 258 -20.84 1.54 2.72
C ASP A 258 -20.34 2.82 3.36
N LEU A 259 -19.03 2.92 3.58
CA LEU A 259 -18.49 4.05 4.34
C LEU A 259 -18.16 5.24 3.46
N LEU A 260 -17.59 4.98 2.28
CA LEU A 260 -17.10 6.08 1.43
C LEU A 260 -18.21 6.96 0.88
N PRO A 261 -19.31 6.44 0.30
CA PRO A 261 -20.33 7.34 -0.25
C PRO A 261 -20.94 8.28 0.78
N THR A 262 -20.75 8.04 2.08
CA THR A 262 -21.18 8.95 3.12
C THR A 262 -20.07 9.87 3.62
N LEU A 263 -18.84 9.68 3.17
CA LEU A 263 -17.68 10.32 3.79
C LEU A 263 -17.60 11.79 3.43
N LYS A 264 -17.52 12.63 4.46
CA LYS A 264 -17.38 14.08 4.31
C LYS A 264 -15.93 14.49 4.56
N LYS A 265 -15.50 15.56 3.89
CA LYS A 265 -14.09 16.01 3.97
C LYS A 265 -13.67 16.28 5.40
N GLU A 266 -14.56 16.92 6.15
CA GLU A 266 -14.20 17.28 7.51
C GLU A 266 -14.02 16.07 8.43
N ASP A 267 -14.34 14.87 7.96
CA ASP A 267 -14.18 13.65 8.74
C ASP A 267 -12.94 12.85 8.32
N ILE A 268 -12.04 13.46 7.56
CA ILE A 268 -10.73 12.89 7.26
C ILE A 268 -9.70 13.67 8.05
N LEU A 269 -8.77 12.97 8.70
CA LEU A 269 -7.75 13.67 9.45
C LEU A 269 -6.47 12.84 9.53
N LEU A 270 -5.37 13.52 9.85
CA LEU A 270 -4.11 12.86 10.16
C LEU A 270 -4.00 12.61 11.66
N ILE A 271 -3.66 11.38 12.02
CA ILE A 271 -3.54 10.96 13.41
C ILE A 271 -2.17 10.37 13.64
N LYS A 272 -1.87 10.13 14.91
CA LYS A 272 -0.68 9.42 15.31
C LYS A 272 -0.87 7.93 15.11
N SER A 273 0.25 7.21 15.01
CA SER A 273 0.27 5.80 14.68
C SER A 273 1.38 5.09 15.44
N PRO A 274 1.13 3.84 15.88
CA PRO A 274 2.24 3.06 16.47
C PRO A 274 3.38 2.84 15.52
N VAL A 275 3.13 2.94 14.21
CA VAL A 275 4.17 2.72 13.21
C VAL A 275 5.19 3.84 13.21
N GLY A 276 4.81 5.02 13.70
CA GLY A 276 5.76 6.12 13.75
C GLY A 276 5.72 7.07 12.58
N TYR A 277 4.69 6.98 11.73
CA TYR A 277 4.40 7.95 10.70
C TYR A 277 2.96 8.41 10.85
N PRO A 278 2.66 9.67 10.54
CA PRO A 278 1.27 10.12 10.52
C PRO A 278 0.44 9.21 9.63
N ALA A 279 -0.79 8.92 10.05
CA ALA A 279 -1.70 8.11 9.26
C ALA A 279 -2.95 8.92 8.95
N ARG A 280 -3.42 8.85 7.71
CA ARG A 280 -4.65 9.55 7.31
C ARG A 280 -5.82 8.60 7.52
N ALA A 281 -6.71 8.94 8.44
CA ALA A 281 -7.82 8.09 8.84
C ALA A 281 -9.15 8.81 8.65
N ILE A 282 -10.21 8.01 8.69
CA ILE A 282 -11.58 8.49 8.79
C ILE A 282 -11.92 8.62 10.27
N ASN A 283 -12.57 9.72 10.63
CA ASN A 283 -12.93 9.99 12.03
C ASN A 283 -14.17 9.16 12.37
N THR A 284 -13.94 7.87 12.62
CA THR A 284 -15.02 6.94 12.92
C THR A 284 -14.40 5.72 13.60
N GLY A 285 -15.27 4.83 14.07
CA GLY A 285 -14.80 3.59 14.67
C GLY A 285 -13.95 3.83 15.90
N VAL A 286 -12.79 3.16 15.94
CA VAL A 286 -11.97 3.16 17.14
C VAL A 286 -11.60 4.58 17.55
N ILE A 287 -11.35 5.46 16.58
CA ILE A 287 -11.04 6.85 16.91
C ILE A 287 -12.13 7.43 17.80
N LYS A 288 -13.38 7.37 17.33
CA LYS A 288 -14.48 7.87 18.15
C LYS A 288 -14.51 7.16 19.49
N ARG A 289 -14.30 5.84 19.50
CA ARG A 289 -14.32 5.11 20.76
C ARG A 289 -13.32 5.69 21.73
N ILE A 290 -12.09 5.95 21.27
CA ILE A 290 -11.07 6.49 22.15
C ILE A 290 -11.53 7.81 22.76
N GLU A 291 -12.18 8.65 21.93
CA GLU A 291 -12.54 9.96 22.42
C GLU A 291 -13.71 9.89 23.39
N GLU A 292 -14.49 8.80 23.35
CA GLU A 292 -15.54 8.62 24.32
C GLU A 292 -15.02 8.07 25.65
N GLY A 293 -13.77 7.62 25.68
CA GLY A 293 -13.30 6.86 26.81
C GLY A 293 -13.68 5.41 26.78
N ASN A 294 -14.04 4.88 25.61
CA ASN A 294 -14.34 3.47 25.41
C ASN A 294 -13.32 2.81 24.50
N ALA A 295 -12.04 3.14 24.69
CA ALA A 295 -11.01 2.58 23.83
C ALA A 295 -10.91 1.07 24.05
N PRO A 296 -10.77 0.29 22.98
CA PRO A 296 -10.50 -1.14 23.16
C PRO A 296 -9.22 -1.34 23.98
N LYS A 297 -9.20 -2.43 24.76
CA LYS A 297 -8.03 -2.73 25.54
C LYS A 297 -6.85 -3.04 24.62
N ILE A 298 -5.65 -2.65 25.04
CA ILE A 298 -4.44 -2.84 24.26
C ILE A 298 -3.56 -3.85 24.99
N ALA A 299 -3.21 -4.92 24.29
CA ALA A 299 -2.26 -5.90 24.80
C ALA A 299 -1.69 -6.61 23.58
N CYS A 300 -0.41 -6.38 23.28
CA CYS A 300 0.14 -6.80 22.00
C CYS A 300 0.07 -8.31 21.85
N VAL A 301 -0.69 -8.75 20.85
CA VAL A 301 -0.79 -10.15 20.47
C VAL A 301 -0.09 -10.42 19.14
N SER A 302 -0.37 -9.59 18.13
CA SER A 302 0.11 -9.85 16.79
C SER A 302 1.55 -9.39 16.53
N ASN A 303 2.10 -8.52 17.39
CA ASN A 303 3.48 -8.02 17.24
C ASN A 303 3.75 -7.57 15.80
N CYS A 304 2.91 -6.64 15.33
CA CYS A 304 2.87 -6.36 13.90
C CYS A 304 4.01 -5.47 13.41
N VAL A 305 4.55 -4.57 14.24
CA VAL A 305 5.56 -3.62 13.79
C VAL A 305 6.65 -3.42 14.83
N ALA A 306 7.89 -3.23 14.32
CA ALA A 306 9.02 -3.03 15.21
C ALA A 306 8.96 -1.71 15.97
N PRO A 307 8.63 -0.57 15.37
CA PRO A 307 8.69 0.70 16.14
C PRO A 307 7.76 0.74 17.34
N CYS A 308 6.70 -0.08 17.36
CA CYS A 308 5.78 -0.08 18.49
C CYS A 308 6.41 -0.65 19.75
N ASN A 309 7.36 -1.58 19.62
CA ASN A 309 7.94 -2.30 20.75
C ASN A 309 6.86 -3.01 21.57
N ARG A 310 6.13 -3.89 20.88
CA ARG A 310 5.19 -4.83 21.51
C ARG A 310 4.19 -4.14 22.41
N GLY A 311 3.71 -2.97 22.00
CA GLY A 311 2.65 -2.28 22.68
C GLY A 311 3.02 -0.95 23.29
N GLU A 312 4.32 -0.65 23.44
CA GLU A 312 4.74 0.62 24.04
C GLU A 312 4.07 1.81 23.35
N GLU A 313 4.30 1.93 22.03
CA GLU A 313 3.82 3.09 21.31
C GLU A 313 2.32 3.02 21.07
N ALA A 314 1.77 1.81 20.93
CA ALA A 314 0.33 1.64 20.82
C ALA A 314 -0.37 2.20 22.05
N LYS A 315 0.15 1.88 23.24
CA LYS A 315 -0.43 2.41 24.46
C LYS A 315 -0.27 3.92 24.54
N LYS A 316 0.86 4.45 24.06
CA LYS A 316 1.03 5.91 24.08
C LYS A 316 0.03 6.60 23.16
N VAL A 317 -0.08 6.15 21.91
CA VAL A 317 -0.97 6.83 20.96
C VAL A 317 -2.44 6.49 21.23
N GLY A 318 -2.71 5.35 21.87
CA GLY A 318 -4.05 5.00 22.28
C GLY A 318 -4.71 3.87 21.52
N TYR A 319 -4.06 3.31 20.50
CA TYR A 319 -4.70 2.23 19.76
C TYR A 319 -3.64 1.31 19.17
N CYS A 320 -4.05 0.05 18.97
CA CYS A 320 -3.26 -0.96 18.27
C CYS A 320 -3.69 -0.97 16.81
N ILE A 321 -2.75 -0.77 15.89
CA ILE A 321 -3.12 -0.65 14.49
C ILE A 321 -3.53 -1.99 13.90
N ALA A 322 -2.84 -3.07 14.28
CA ALA A 322 -3.20 -4.39 13.80
C ALA A 322 -4.60 -4.76 14.24
N ASP A 323 -4.91 -4.57 15.53
CA ASP A 323 -6.24 -4.85 16.04
C ASP A 323 -7.31 -4.09 15.26
N GLY A 324 -7.10 -2.78 15.06
CA GLY A 324 -8.13 -1.97 14.44
C GLY A 324 -8.34 -2.30 12.97
N LEU A 325 -7.25 -2.46 12.22
CA LEU A 325 -7.40 -2.77 10.80
C LEU A 325 -7.99 -4.17 10.60
N GLY A 326 -7.57 -5.15 11.42
CA GLY A 326 -8.19 -6.46 11.35
C GLY A 326 -9.67 -6.41 11.66
N ARG A 327 -10.05 -5.65 12.70
CA ARG A 327 -11.46 -5.50 13.03
C ARG A 327 -12.24 -4.89 11.87
N SER A 328 -11.62 -3.94 11.16
CA SER A 328 -12.27 -3.35 9.99
C SER A 328 -12.50 -4.40 8.91
N TYR A 329 -11.48 -5.22 8.62
CA TYR A 329 -11.66 -6.25 7.60
C TYR A 329 -12.77 -7.22 7.97
N LEU A 330 -12.89 -7.56 9.25
CA LEU A 330 -13.92 -8.47 9.71
C LEU A 330 -15.28 -7.81 9.87
N GLY A 331 -15.41 -6.55 9.49
CA GLY A 331 -16.69 -5.88 9.48
C GLY A 331 -17.07 -5.16 10.76
N ASN A 332 -16.16 -5.07 11.73
CA ASN A 332 -16.45 -4.38 12.99
C ASN A 332 -16.48 -2.90 12.72
N ARG A 333 -17.69 -2.34 12.68
CA ARG A 333 -17.88 -0.93 12.35
C ARG A 333 -17.72 -0.04 13.57
N GLU A 334 -17.93 -0.58 14.78
CA GLU A 334 -17.81 0.21 16.00
C GLU A 334 -16.37 0.39 16.44
N GLU A 335 -15.51 -0.61 16.21
CA GLU A 335 -14.15 -0.58 16.71
C GLU A 335 -13.11 -0.69 15.61
N GLY A 336 -13.51 -0.67 14.34
CA GLY A 336 -12.55 -0.74 13.28
C GLY A 336 -11.78 0.56 13.11
N LEU A 337 -10.61 0.45 12.50
CA LEU A 337 -9.80 1.58 12.08
C LEU A 337 -9.87 1.67 10.56
N TYR A 338 -10.13 2.87 10.05
CA TYR A 338 -10.38 3.05 8.62
C TYR A 338 -9.50 4.16 8.07
N PHE A 339 -8.82 3.86 6.97
CA PHE A 339 -7.88 4.76 6.32
C PHE A 339 -8.45 5.26 4.99
N THR A 340 -7.85 6.34 4.49
CA THR A 340 -8.29 6.97 3.26
C THR A 340 -7.23 7.97 2.81
N GLY A 341 -7.15 8.16 1.49
CA GLY A 341 -6.42 9.31 0.98
C GLY A 341 -7.20 10.57 1.23
N ALA A 342 -6.53 11.71 1.03
CA ALA A 342 -7.20 12.99 1.20
C ALA A 342 -8.43 13.12 0.31
N ASN A 343 -8.45 12.41 -0.81
CA ASN A 343 -9.51 12.52 -1.80
C ASN A 343 -10.71 11.61 -1.50
N GLY A 344 -10.73 10.93 -0.34
CA GLY A 344 -11.77 9.95 -0.08
C GLY A 344 -13.17 10.51 -0.11
N TYR A 345 -13.34 11.77 0.29
CA TYR A 345 -14.65 12.42 0.29
C TYR A 345 -15.21 12.62 -1.11
N ARG A 346 -14.40 12.47 -2.15
CA ARG A 346 -14.87 12.63 -3.52
C ARG A 346 -15.51 11.37 -4.07
N VAL A 347 -15.58 10.30 -3.28
CA VAL A 347 -16.23 9.06 -3.70
C VAL A 347 -17.73 9.21 -3.46
N ASP A 348 -18.50 9.25 -4.55
CA ASP A 348 -19.96 9.29 -4.45
C ASP A 348 -20.59 7.92 -4.76
N LYS A 349 -20.20 7.31 -5.87
CA LYS A 349 -20.70 6.01 -6.30
C LYS A 349 -19.62 4.96 -6.10
N ILE A 350 -20.04 3.75 -5.76
CA ILE A 350 -19.15 2.60 -5.79
C ILE A 350 -19.28 1.97 -7.17
N ILE A 351 -18.17 1.93 -7.92
CA ILE A 351 -18.17 1.44 -9.29
C ILE A 351 -17.29 0.20 -9.37
N SER A 352 -17.32 -0.46 -10.54
CA SER A 352 -16.51 -1.65 -10.73
C SER A 352 -15.08 -1.27 -11.10
N VAL A 353 -14.16 -2.20 -10.86
CA VAL A 353 -12.78 -2.01 -11.28
C VAL A 353 -12.70 -1.78 -12.78
N HIS A 354 -13.49 -2.52 -13.56
CA HIS A 354 -13.46 -2.36 -15.01
C HIS A 354 -13.88 -0.97 -15.42
N GLU A 355 -14.96 -0.45 -14.84
CA GLU A 355 -15.41 0.88 -15.23
C GLU A 355 -14.41 1.95 -14.76
N LEU A 356 -13.75 1.72 -13.62
CA LEU A 356 -12.73 2.67 -13.16
C LEU A 356 -11.54 2.71 -14.12
N ILE A 357 -11.05 1.54 -14.54
CA ILE A 357 -9.95 1.52 -15.49
C ILE A 357 -10.37 2.15 -16.82
N LYS A 358 -11.60 1.88 -17.26
CA LYS A 358 -12.09 2.51 -18.49
C LYS A 358 -12.07 4.03 -18.36
N GLU A 359 -12.53 4.55 -17.21
CA GLU A 359 -12.44 5.98 -16.96
C GLU A 359 -11.00 6.48 -17.05
N LEU A 360 -10.08 5.76 -16.41
CA LEU A 360 -8.72 6.26 -16.24
C LEU A 360 -7.89 6.14 -17.51
N THR A 361 -8.26 5.25 -18.43
CA THR A 361 -7.41 4.94 -19.58
C THR A 361 -8.01 5.35 -20.92
N GLU A 362 -9.32 5.56 -21.00
CA GLU A 362 -9.96 5.90 -22.27
C GLU A 362 -9.36 7.17 -22.87
N GLY A 363 -8.98 7.08 -24.14
CA GLY A 363 -8.39 8.21 -24.84
C GLY A 363 -6.90 8.36 -24.57
N1 FMN B . 0.58 1.83 1.24
C2 FMN B . 1.48 0.84 1.63
O2 FMN B . 2.60 0.82 1.16
N3 FMN B . 1.08 -0.12 2.57
C4 FMN B . -0.21 -0.09 3.11
O4 FMN B . -0.55 -0.95 3.92
C4A FMN B . -1.10 0.91 2.71
N5 FMN B . -2.35 0.96 3.21
C5A FMN B . -3.24 1.83 2.69
C6 FMN B . -4.57 1.78 3.09
C7 FMN B . -5.51 2.65 2.54
C7M FMN B . -6.85 2.57 2.94
C8 FMN B . -5.12 3.60 1.61
C8M FMN B . -6.04 4.48 1.06
C9 FMN B . -3.79 3.65 1.22
C9A FMN B . -2.84 2.78 1.75
N10 FMN B . -1.55 2.84 1.36
C10 FMN B . -0.70 1.88 1.78
C1' FMN B . -1.04 3.87 0.40
C2' FMN B . -1.41 3.51 -1.05
O2' FMN B . -0.76 2.30 -1.42
C3' FMN B . -1.06 4.61 -2.09
O3' FMN B . 0.37 4.80 -2.16
C4' FMN B . -1.76 5.96 -1.82
O4' FMN B . -2.98 5.81 -1.09
C5' FMN B . -2.08 6.60 -3.17
O5' FMN B . -2.79 7.83 -2.95
P FMN B . -4.34 7.93 -3.31
O1P FMN B . -4.36 7.37 -4.67
O2P FMN B . -5.00 7.09 -2.30
O3P FMN B . -4.62 9.37 -3.23
FE1 SF4 C . 1.58 -5.14 18.86
FE2 SF4 C . 1.85 -2.46 18.58
FE3 SF4 C . -0.57 -3.62 18.14
FE4 SF4 C . 1.38 -4.00 16.37
S1 SF4 C . 0.42 -2.00 16.89
S2 SF4 C . 0.05 -5.63 17.26
S3 SF4 C . 3.23 -4.07 17.70
S4 SF4 C . 0.56 -3.53 20.12
CAA A1ELF D . 9.22 6.16 3.20
CAE A1ELF D . -0.28 -2.88 10.88
CAF A1ELF D . 1.10 -2.68 10.96
CAG A1ELF D . 6.13 6.34 5.26
CAH A1ELF D . 7.49 6.34 4.89
CAI A1ELF D . 5.16 6.11 4.26
CAJ A1ELF D . -0.46 -0.04 6.95
CAK A1ELF D . -1.01 -2.27 9.86
CAL A1ELF D . 1.77 -1.87 10.04
CAM A1ELF D . -1.12 -0.85 7.89
CAN A1ELF D . 6.90 5.92 2.56
CAO A1ELF D . 1.70 -0.45 8.09
CAU A1ELF D . 1.61 0.94 6.14
CAV A1ELF D . 7.87 6.14 3.56
CAW A1ELF D . 5.53 5.91 2.91
CAX A1ELF D . 0.93 0.17 7.07
CAY A1ELF D . 1.56 2.64 4.58
CAZ A1ELF D . 2.79 3.70 2.89
CBA A1ELF D . -0.37 -1.46 8.91
CBB A1ELF D . 1.04 -1.26 9.02
NAP A1ELF D . 0.97 3.68 3.98
NAQ A1ELF D . 1.57 4.22 3.14
NAR A1ELF D . 0.93 1.95 5.53
NAS A1ELF D . 4.53 5.70 2.04
OAB A1ELF D . 2.77 0.58 5.94
OAC A1ELF D . 5.11 3.17 1.76
OAD A1ELF D . 3.30 4.14 0.34
SAT A1ELF D . 3.09 2.40 3.88
SBC A1ELF D . 3.97 4.20 1.71
#